data_8ILW
#
_entry.id   8ILW
#
_cell.length_a   46.693
_cell.length_b   51.486
_cell.length_c   102.818
_cell.angle_alpha   90.00
_cell.angle_beta   90.00
_cell.angle_gamma   90.00
#
_symmetry.space_group_name_H-M   'P 21 21 21'
#
loop_
_entity.id
_entity.type
_entity.pdbx_description
1 polymer "DNA (5'-D(*CP*AP*AP*CP*AP*CP*TP*TP*AP*AP*TP*CP*CP*AP*AP*A)-3')"
2 polymer "DNA (5'-D(*GP*TP*TP*TP*GP*GP*AP*TP*TP*AP*AP*GP*TP*GP*TP*T)-3')"
3 polymer 'LMX1A factor'
4 water water
#
loop_
_entity_poly.entity_id
_entity_poly.type
_entity_poly.pdbx_seq_one_letter_code
_entity_poly.pdbx_strand_id
1 'polydeoxyribonucleotide' (DC)(DA)(DA)(DC)(DA)(DC)(DT)(DT)(DA)(DA)(DT)(DC)(DC)(DA)(DA)(DA) A
2 'polydeoxyribonucleotide' (DG)(DT)(DT)(DT)(DG)(DG)(DA)(DT)(DT)(DA)(DA)(DG)(DT)(DG)(DT)(DT) B
3 'polypeptide(L)' KRPRTILTTQQRRAFKASFEVSSKPCRKVRETLAAETGLSVRVVQVWFQNQRAKMKKLAR C
#
# COMPACT_ATOMS: atom_id res chain seq x y z
N LYS C 1 7.72 18.76 7.96
CA LYS C 1 6.91 17.70 7.39
C LYS C 1 6.81 17.84 5.87
N ARG C 2 6.44 16.74 5.22
CA ARG C 2 6.06 16.66 3.83
C ARG C 2 4.54 16.56 3.73
N PRO C 3 3.96 17.02 2.62
CA PRO C 3 2.50 16.96 2.46
C PRO C 3 2.01 15.53 2.39
N ARG C 4 0.79 15.29 2.86
CA ARG C 4 0.29 13.91 2.91
C ARG C 4 -0.44 13.57 1.62
N THR C 5 -0.70 12.28 1.44
CA THR C 5 -1.03 11.74 0.12
C THR C 5 -2.53 11.50 -0.05
N ILE C 6 -2.97 11.57 -1.31
CA ILE C 6 -4.31 11.24 -1.76
C ILE C 6 -4.20 10.32 -2.98
N LEU C 7 -5.15 9.40 -3.13
CA LEU C 7 -4.96 8.30 -4.09
C LEU C 7 -6.00 8.28 -5.19
N THR C 8 -5.56 8.03 -6.41
CA THR C 8 -6.50 7.69 -7.48
C THR C 8 -7.16 6.36 -7.17
N THR C 9 -8.42 6.21 -7.60
CA THR C 9 -9.05 4.90 -7.47
C THR C 9 -8.23 3.82 -8.15
N GLN C 10 -7.75 4.10 -9.37
CA GLN C 10 -6.90 3.14 -10.07
C GLN C 10 -5.67 2.79 -9.23
N GLN C 11 -5.14 3.75 -8.48
CA GLN C 11 -4.00 3.49 -7.59
C GLN C 11 -4.42 2.69 -6.38
N ARG C 12 -5.53 3.08 -5.76
CA ARG C 12 -5.96 2.30 -4.62
C ARG C 12 -6.39 0.92 -5.07
N ARG C 13 -7.11 0.84 -6.20
CA ARG C 13 -7.40 -0.46 -6.80
C ARG C 13 -6.14 -1.29 -6.84
N ALA C 14 -5.02 -0.66 -7.23
CA ALA C 14 -3.76 -1.40 -7.35
C ALA C 14 -3.28 -1.88 -5.98
N PHE C 15 -3.22 -0.98 -5.00
CA PHE C 15 -2.77 -1.39 -3.67
C PHE C 15 -3.69 -2.42 -3.06
N LYS C 16 -4.99 -2.13 -3.02
CA LYS C 16 -5.91 -3.07 -2.40
C LYS C 16 -5.75 -4.43 -3.05
N ALA C 17 -5.58 -4.46 -4.39
CA ALA C 17 -5.40 -5.72 -5.09
C ALA C 17 -4.15 -6.44 -4.61
N SER C 18 -3.02 -5.76 -4.53
CA SER C 18 -1.82 -6.49 -4.16
C SER C 18 -1.90 -7.01 -2.71
N PHE C 19 -2.56 -6.26 -1.82
CA PHE C 19 -2.76 -6.70 -0.44
C PHE C 19 -3.60 -7.98 -0.36
N GLU C 20 -4.47 -8.20 -1.34
CA GLU C 20 -5.26 -9.43 -1.40
C GLU C 20 -4.40 -10.67 -1.50
N VAL C 21 -3.12 -10.51 -1.83
CA VAL C 21 -2.28 -11.62 -2.30
C VAL C 21 -1.10 -11.83 -1.37
N SER C 22 -0.47 -10.75 -0.95
CA SER C 22 0.28 -10.79 0.30
C SER C 22 0.01 -9.53 1.08
N SER C 23 -0.35 -9.69 2.35
CA SER C 23 -0.34 -8.59 3.32
C SER C 23 1.05 -8.03 3.55
N LYS C 24 2.10 -8.75 3.15
CA LYS C 24 3.48 -8.42 3.52
C LYS C 24 4.30 -8.57 2.27
N PRO C 25 4.15 -7.63 1.34
CA PRO C 25 4.85 -7.77 0.06
C PRO C 25 6.32 -7.51 0.25
N CYS C 26 7.13 -8.24 -0.51
CA CYS C 26 8.57 -8.05 -0.43
C CYS C 26 8.94 -6.74 -1.13
N ARG C 27 10.23 -6.43 -1.11
CA ARG C 27 10.65 -5.15 -1.67
C ARG C 27 10.53 -5.13 -3.20
N LYS C 28 10.97 -6.20 -3.88
CA LYS C 28 10.89 -6.15 -5.34
C LYS C 28 9.47 -5.93 -5.80
N VAL C 29 8.48 -6.24 -4.95
CA VAL C 29 7.09 -5.97 -5.30
C VAL C 29 6.76 -4.52 -5.08
N ARG C 30 6.96 -4.07 -3.83
CA ARG C 30 6.83 -2.65 -3.50
C ARG C 30 7.44 -1.80 -4.59
N GLU C 31 8.62 -2.20 -5.07
CA GLU C 31 9.23 -1.45 -6.15
C GLU C 31 8.30 -1.39 -7.36
N THR C 32 7.65 -2.51 -7.68
CA THR C 32 6.82 -2.51 -8.89
C THR C 32 5.59 -1.67 -8.68
N LEU C 33 5.02 -1.77 -7.47
CA LEU C 33 3.86 -0.97 -7.11
C LEU C 33 4.17 0.52 -7.21
N ALA C 34 5.37 0.92 -6.82
CA ALA C 34 5.74 2.33 -6.96
C ALA C 34 5.71 2.75 -8.42
N ALA C 35 6.46 2.03 -9.27
CA ALA C 35 6.43 2.30 -10.69
C ALA C 35 5.00 2.30 -11.20
N GLU C 36 4.22 1.29 -10.82
CA GLU C 36 2.87 1.19 -11.35
C GLU C 36 2.06 2.44 -11.01
N THR C 37 2.03 2.81 -9.73
CA THR C 37 1.19 3.89 -9.28
C THR C 37 1.84 5.26 -9.41
N GLY C 38 3.11 5.30 -9.80
CA GLY C 38 3.81 6.57 -9.80
C GLY C 38 4.11 7.12 -8.42
N LEU C 39 4.04 6.30 -7.37
CA LEU C 39 4.30 6.79 -6.02
C LEU C 39 5.69 6.38 -5.55
N SER C 40 6.05 6.90 -4.38
CA SER C 40 7.31 6.57 -3.74
C SER C 40 7.23 5.20 -3.08
N VAL C 41 8.39 4.60 -2.80
CA VAL C 41 8.34 3.27 -2.19
C VAL C 41 7.88 3.35 -0.75
N ARG C 42 8.30 4.39 -0.04
CA ARG C 42 7.89 4.55 1.34
C ARG C 42 6.37 4.60 1.47
N VAL C 43 5.71 5.31 0.56
CA VAL C 43 4.26 5.40 0.70
C VAL C 43 3.67 4.01 0.66
N VAL C 44 4.12 3.24 -0.31
CA VAL C 44 3.66 1.86 -0.46
C VAL C 44 3.81 1.11 0.84
N GLN C 45 5.03 1.07 1.36
CA GLN C 45 5.26 0.43 2.64
C GLN C 45 4.29 0.88 3.74
N VAL C 46 4.03 2.19 3.86
CA VAL C 46 3.19 2.59 4.99
C VAL C 46 1.73 2.30 4.71
N TRP C 47 1.30 2.34 3.45
CA TRP C 47 -0.09 2.03 3.20
C TRP C 47 -0.38 0.62 3.63
N PHE C 48 0.54 -0.29 3.32
CA PHE C 48 0.42 -1.67 3.78
C PHE C 48 0.45 -1.74 5.28
N GLN C 49 1.40 -1.04 5.88
CA GLN C 49 1.44 -0.99 7.34
C GLN C 49 0.10 -0.54 7.92
N ASN C 50 -0.50 0.50 7.36
CA ASN C 50 -1.74 1.03 7.93
C ASN C 50 -2.92 0.09 7.68
N GLN C 51 -3.04 -0.46 6.47
CA GLN C 51 -4.17 -1.36 6.22
C GLN C 51 -4.03 -2.66 7.01
N ARG C 52 -2.80 -3.07 7.35
CA ARG C 52 -2.60 -4.25 8.21
C ARG C 52 -3.24 -4.05 9.58
N ALA C 53 -2.86 -2.98 10.29
CA ALA C 53 -3.40 -2.76 11.62
C ALA C 53 -4.92 -2.65 11.59
N LYS C 54 -5.44 -2.00 10.55
CA LYS C 54 -6.89 -1.87 10.38
C LYS C 54 -7.58 -3.22 10.54
N MET C 55 -7.00 -4.25 9.91
CA MET C 55 -7.63 -5.57 9.92
C MET C 55 -7.42 -6.31 11.23
N LYS C 56 -6.24 -6.22 11.83
CA LYS C 56 -6.02 -6.93 13.09
C LYS C 56 -7.02 -6.48 14.14
N LYS C 57 -7.49 -5.24 14.07
CA LYS C 57 -8.38 -4.75 15.11
C LYS C 57 -9.82 -5.16 14.85
N LEU C 58 -10.19 -5.34 13.58
CA LEU C 58 -11.51 -5.83 13.25
C LEU C 58 -11.72 -7.24 13.78
N ALA C 59 -10.69 -8.09 13.64
CA ALA C 59 -10.81 -9.47 14.10
C ALA C 59 -10.74 -9.61 15.63
N ARG C 60 -10.72 -8.52 16.39
CA ARG C 60 -10.77 -8.62 17.85
C ARG C 60 -12.08 -9.25 18.34
#